data_6O5C
#
_entry.id   6O5C
#
_cell.length_a   67.904
_cell.length_b   67.904
_cell.length_c   293.673
_cell.angle_alpha   90.00
_cell.angle_beta   90.00
_cell.angle_gamma   90.00
#
_symmetry.space_group_name_H-M   'P 41 21 2'
#
loop_
_entity.id
_entity.type
_entity.pdbx_description
1 polymer 'Putative metal-dependent transcriptional regulator'
2 non-polymer 'MANGANESE (II) ION'
3 non-polymer DI(HYDROXYETHYL)ETHER
4 water water
#
_entity_poly.entity_id   1
_entity_poly.type   'polypeptide(L)'
_entity_poly.pdbx_seq_one_letter_code
;GSHMTPNKEDYLKCIYEIGEQEPKITNKMVAEKMHVSAPAVSEMIKKMISQGWIVKDKAKGYLLKDKGYALVANLYRKHR
LIEVFLIHQLGYNTQEVHQEAEVLEHTVSDTFIDRLDKILDFPDFCPHGGTIPRYGQPLVEMNTTTLNTITELGRFRLSR
IHDHFDLIQYLETHHLNINTELTLTQIDTFAKTYTICYGDKELVIPENIAKQLYVTAL
;
_entity_poly.pdbx_strand_id   A,B
#
# COMPACT_ATOMS: atom_id res chain seq x y z
N MET A 4 -7.68 24.70 -2.50
CA MET A 4 -8.98 25.31 -2.70
C MET A 4 -9.23 25.46 -4.18
N THR A 5 -10.46 25.24 -4.60
CA THR A 5 -10.83 25.37 -6.00
C THR A 5 -9.89 24.58 -6.92
N PRO A 6 -9.61 23.28 -6.52
CA PRO A 6 -8.71 22.56 -7.43
C PRO A 6 -9.22 22.60 -8.85
N ASN A 7 -8.36 23.02 -9.76
CA ASN A 7 -8.74 23.18 -11.16
C ASN A 7 -8.41 21.93 -11.96
N LYS A 8 -8.93 21.84 -13.18
CA LYS A 8 -8.69 20.70 -14.07
C LYS A 8 -7.19 20.49 -14.31
N GLU A 9 -6.45 21.60 -14.30
CA GLU A 9 -5.01 21.56 -14.47
C GLU A 9 -4.32 20.78 -13.34
N ASP A 10 -4.79 21.00 -12.12
CA ASP A 10 -4.23 20.33 -10.96
C ASP A 10 -4.46 18.82 -11.03
N TYR A 11 -5.62 18.43 -11.55
CA TYR A 11 -5.93 17.02 -11.73
C TYR A 11 -4.98 16.37 -12.73
N LEU A 12 -4.68 17.11 -13.81
CA LEU A 12 -3.78 16.63 -14.85
C LEU A 12 -2.37 16.39 -14.30
N LYS A 13 -1.88 17.34 -13.50
CA LYS A 13 -0.58 17.22 -12.86
C LYS A 13 -0.52 15.98 -12.00
N CYS A 14 -1.62 15.70 -11.32
CA CYS A 14 -1.71 14.53 -10.45
C CYS A 14 -1.68 13.24 -11.26
N ILE A 15 -2.41 13.21 -12.36
CA ILE A 15 -2.46 12.03 -13.23
C ILE A 15 -1.06 11.71 -13.76
N TYR A 16 -0.35 12.76 -14.17
CA TYR A 16 1.01 12.62 -14.67
C TYR A 16 1.92 12.05 -13.59
N GLU A 17 1.80 12.58 -12.38
CA GLU A 17 2.63 12.15 -11.26
C GLU A 17 2.39 10.69 -10.90
N ILE A 18 1.12 10.28 -10.87
CA ILE A 18 0.78 8.90 -10.54
C ILE A 18 1.27 7.95 -11.64
N GLY A 19 1.17 8.39 -12.89
CA GLY A 19 1.67 7.62 -14.01
C GLY A 19 3.15 7.35 -13.89
N GLU A 20 3.86 8.25 -13.21
CA GLU A 20 5.28 8.08 -12.92
C GLU A 20 5.53 7.07 -11.82
N GLN A 21 4.68 7.09 -10.80
CA GLN A 21 4.89 6.31 -9.58
C GLN A 21 4.17 4.97 -9.58
N GLU A 22 3.24 4.78 -10.50
CA GLU A 22 2.42 3.57 -10.50
C GLU A 22 2.35 2.90 -11.87
N PRO A 23 2.15 1.58 -11.87
CA PRO A 23 1.91 0.82 -13.10
C PRO A 23 0.53 1.13 -13.68
N LYS A 24 -0.49 1.05 -12.84
CA LYS A 24 -1.87 1.33 -13.25
C LYS A 24 -2.46 2.44 -12.39
N ILE A 25 -3.15 3.37 -13.03
CA ILE A 25 -3.72 4.52 -12.33
C ILE A 25 -5.20 4.34 -12.02
N THR A 26 -5.52 4.12 -10.74
CA THR A 26 -6.91 3.96 -10.32
C THR A 26 -7.47 5.26 -9.78
N ASN A 27 -8.79 5.35 -9.73
CA ASN A 27 -9.49 6.57 -9.29
C ASN A 27 -9.29 6.86 -7.80
N LYS A 28 -9.10 5.81 -7.02
CA LYS A 28 -8.91 5.97 -5.58
C LYS A 28 -7.65 6.76 -5.27
N MET A 29 -6.57 6.43 -5.96
CA MET A 29 -5.30 7.12 -5.77
C MET A 29 -5.40 8.58 -6.19
N VAL A 30 -6.18 8.84 -7.23
CA VAL A 30 -6.41 10.20 -7.70
C VAL A 30 -7.20 11.00 -6.66
N ALA A 31 -8.13 10.34 -6.01
CA ALA A 31 -8.97 10.98 -5.00
C ALA A 31 -8.20 11.28 -3.72
N GLU A 32 -7.41 10.30 -3.28
CA GLU A 32 -6.61 10.45 -2.06
C GLU A 32 -5.51 11.49 -2.22
N LYS A 33 -4.99 11.62 -3.43
CA LYS A 33 -3.91 12.55 -3.72
C LYS A 33 -4.42 13.99 -3.80
N MET A 34 -5.57 14.17 -4.42
CA MET A 34 -6.17 15.49 -4.60
C MET A 34 -7.00 15.90 -3.38
N HIS A 35 -7.19 14.96 -2.46
CA HIS A 35 -8.01 15.16 -1.26
C HIS A 35 -9.44 15.56 -1.63
N VAL A 36 -10.00 14.85 -2.61
CA VAL A 36 -11.35 15.12 -3.10
C VAL A 36 -12.18 13.84 -3.11
N SER A 37 -13.47 13.94 -2.80
CA SER A 37 -14.37 12.80 -2.83
C SER A 37 -14.43 12.18 -4.22
N ALA A 38 -14.63 10.86 -4.26
CA ALA A 38 -14.64 10.10 -5.52
C ALA A 38 -15.62 10.59 -6.59
N PRO A 39 -16.85 11.02 -6.20
CA PRO A 39 -17.74 11.51 -7.25
C PRO A 39 -17.19 12.70 -8.05
N ALA A 40 -16.65 13.70 -7.37
CA ALA A 40 -16.09 14.87 -8.04
C ALA A 40 -14.86 14.49 -8.86
N VAL A 41 -14.20 13.41 -8.46
CA VAL A 41 -13.04 12.90 -9.19
C VAL A 41 -13.46 12.30 -10.53
N SER A 42 -14.42 11.38 -10.48
CA SER A 42 -14.90 10.71 -11.67
C SER A 42 -15.60 11.69 -12.61
N GLU A 43 -16.27 12.69 -12.04
CA GLU A 43 -16.95 13.71 -12.83
C GLU A 43 -15.94 14.62 -13.53
N MET A 44 -14.83 14.89 -12.85
CA MET A 44 -13.77 15.70 -13.42
C MET A 44 -13.06 14.93 -14.52
N ILE A 45 -12.84 13.64 -14.29
CA ILE A 45 -12.22 12.76 -15.28
C ILE A 45 -13.06 12.72 -16.55
N LYS A 46 -14.38 12.77 -16.39
CA LYS A 46 -15.30 12.86 -17.52
C LYS A 46 -15.04 14.11 -18.35
N LYS A 47 -14.85 15.25 -17.67
CA LYS A 47 -14.61 16.51 -18.36
C LYS A 47 -13.23 16.53 -19.03
N MET A 48 -12.28 15.80 -18.46
CA MET A 48 -10.93 15.75 -19.00
C MET A 48 -10.82 14.80 -20.18
N ILE A 49 -11.47 13.63 -20.05
CA ILE A 49 -11.44 12.63 -21.11
C ILE A 49 -12.23 13.12 -22.32
N SER A 50 -13.10 14.11 -22.09
CA SER A 50 -13.92 14.67 -23.15
C SER A 50 -13.17 15.71 -23.96
N GLN A 51 -12.35 16.50 -23.28
CA GLN A 51 -11.65 17.61 -23.92
C GLN A 51 -10.33 17.17 -24.55
N GLY A 52 -10.17 15.86 -24.74
CA GLY A 52 -9.05 15.32 -25.48
C GLY A 52 -7.72 15.29 -24.73
N TRP A 53 -7.78 15.29 -23.40
CA TRP A 53 -6.57 15.25 -22.59
C TRP A 53 -6.24 13.83 -22.17
N ILE A 54 -7.23 13.13 -21.63
CA ILE A 54 -7.03 11.79 -21.08
C ILE A 54 -7.72 10.73 -21.94
N VAL A 55 -7.06 9.60 -22.12
CA VAL A 55 -7.69 8.45 -22.75
C VAL A 55 -7.68 7.27 -21.77
N LYS A 56 -8.83 6.64 -21.58
CA LYS A 56 -8.95 5.52 -20.65
C LYS A 56 -8.27 4.28 -21.20
N ASP A 57 -7.60 3.54 -20.32
CA ASP A 57 -6.88 2.32 -20.69
C ASP A 57 -6.80 1.40 -19.48
N LYS A 58 -7.50 0.28 -19.53
CA LYS A 58 -7.56 -0.65 -18.40
C LYS A 58 -6.29 -1.49 -18.26
N ALA A 59 -5.17 -0.93 -18.70
CA ALA A 59 -3.86 -1.56 -18.51
C ALA A 59 -2.97 -0.66 -17.68
N LYS A 60 -3.00 0.64 -17.99
CA LYS A 60 -2.24 1.64 -17.24
C LYS A 60 -3.17 2.49 -16.39
N GLY A 61 -4.46 2.21 -16.46
CA GLY A 61 -5.45 3.01 -15.78
C GLY A 61 -5.93 4.15 -16.66
N TYR A 62 -5.12 5.20 -16.73
CA TYR A 62 -5.36 6.30 -17.65
C TYR A 62 -4.09 6.65 -18.41
N LEU A 63 -4.24 7.24 -19.58
CA LEU A 63 -3.09 7.70 -20.36
C LEU A 63 -3.29 9.15 -20.80
N LEU A 64 -2.18 9.84 -21.01
CA LEU A 64 -2.22 11.22 -21.47
C LEU A 64 -2.00 11.28 -22.97
N LYS A 65 -2.93 11.89 -23.68
CA LYS A 65 -2.82 12.06 -25.12
C LYS A 65 -1.87 13.21 -25.42
N ASP A 66 -1.48 13.36 -26.68
CA ASP A 66 -0.50 14.39 -27.08
C ASP A 66 -0.86 15.78 -26.57
N LYS A 67 -2.15 16.10 -26.57
CA LYS A 67 -2.60 17.40 -26.09
C LYS A 67 -2.40 17.53 -24.59
N GLY A 68 -2.56 16.41 -23.88
CA GLY A 68 -2.37 16.38 -22.45
C GLY A 68 -0.91 16.55 -22.07
N TYR A 69 -0.03 15.88 -22.81
CA TYR A 69 1.41 15.98 -22.58
C TYR A 69 1.93 17.37 -22.94
N ALA A 70 1.46 17.90 -24.06
CA ALA A 70 1.89 19.22 -24.52
C ALA A 70 1.44 20.31 -23.54
N LEU A 71 0.33 20.07 -22.86
CA LEU A 71 -0.21 21.06 -21.92
C LEU A 71 0.45 20.96 -20.56
N VAL A 72 0.60 19.73 -20.06
CA VAL A 72 1.19 19.49 -18.75
C VAL A 72 2.66 19.91 -18.73
N ALA A 73 3.24 20.04 -19.92
CA ALA A 73 4.60 20.56 -20.07
C ALA A 73 4.62 22.04 -19.72
N ASN A 74 3.76 22.80 -20.39
CA ASN A 74 3.64 24.23 -20.13
C ASN A 74 3.12 24.50 -18.72
N LEU A 75 2.35 23.56 -18.19
CA LEU A 75 1.79 23.70 -16.85
C LEU A 75 2.85 23.50 -15.77
N TYR A 76 3.68 22.47 -15.95
CA TYR A 76 4.78 22.21 -15.02
C TYR A 76 5.87 23.27 -15.19
N ARG A 77 5.96 23.85 -16.38
CA ARG A 77 6.91 24.92 -16.64
C ARG A 77 6.56 26.13 -15.78
N LYS A 78 5.30 26.52 -15.82
CA LYS A 78 4.80 27.65 -15.05
C LYS A 78 4.90 27.41 -13.54
N HIS A 79 4.57 26.19 -13.13
CA HIS A 79 4.56 25.85 -11.71
C HIS A 79 5.96 25.86 -11.09
N ARG A 80 6.92 25.25 -11.78
CA ARG A 80 8.26 25.10 -11.22
C ARG A 80 9.08 26.38 -11.33
N LEU A 81 8.89 27.13 -12.40
CA LEU A 81 9.55 28.43 -12.55
C LEU A 81 9.14 29.37 -11.43
N ILE A 82 7.86 29.35 -11.10
CA ILE A 82 7.32 30.14 -9.99
C ILE A 82 7.93 29.67 -8.67
N GLU A 83 8.08 28.35 -8.53
CA GLU A 83 8.70 27.77 -7.35
C GLU A 83 10.14 28.24 -7.20
N VAL A 84 10.88 28.22 -8.30
CA VAL A 84 12.24 28.71 -8.34
C VAL A 84 12.30 30.15 -7.84
N PHE A 85 11.46 31.00 -8.40
CA PHE A 85 11.45 32.41 -8.05
C PHE A 85 11.07 32.63 -6.59
N LEU A 86 10.03 31.95 -6.13
CA LEU A 86 9.54 32.10 -4.76
C LEU A 86 10.60 31.73 -3.72
N ILE A 87 11.41 30.72 -4.04
CA ILE A 87 12.36 30.19 -3.09
C ILE A 87 13.79 30.71 -3.30
N HIS A 88 14.33 30.50 -4.50
CA HIS A 88 15.72 30.87 -4.79
C HIS A 88 15.94 32.38 -4.83
N GLN A 89 14.86 33.15 -4.86
CA GLN A 89 14.96 34.60 -4.90
C GLN A 89 14.33 35.26 -3.68
N LEU A 90 13.02 35.13 -3.53
CA LEU A 90 12.30 35.76 -2.41
C LEU A 90 12.70 35.15 -1.08
N GLY A 91 12.96 33.84 -1.08
CA GLY A 91 13.38 33.15 0.13
C GLY A 91 12.21 32.54 0.90
N TYR A 92 11.21 32.09 0.15
CA TYR A 92 10.05 31.42 0.76
C TYR A 92 10.45 30.13 1.45
N ASN A 93 9.72 29.77 2.50
CA ASN A 93 9.87 28.46 3.10
C ASN A 93 8.84 27.51 2.51
N THR A 94 8.98 26.22 2.80
CA THR A 94 8.13 25.20 2.19
C THR A 94 6.76 25.08 2.86
N GLN A 95 6.21 26.21 3.29
CA GLN A 95 4.85 26.25 3.83
C GLN A 95 4.09 27.43 3.24
N GLU A 96 4.80 28.54 3.05
CA GLU A 96 4.22 29.70 2.39
C GLU A 96 4.02 29.39 0.91
N VAL A 97 4.88 28.55 0.37
CA VAL A 97 4.75 28.06 -1.00
C VAL A 97 3.44 27.30 -1.14
N HIS A 98 3.14 26.47 -0.15
CA HIS A 98 1.91 25.67 -0.14
C HIS A 98 0.67 26.55 -0.12
N GLN A 99 0.81 27.79 0.37
CA GLN A 99 -0.32 28.69 0.49
C GLN A 99 -0.55 29.55 -0.75
N GLU A 100 0.54 29.93 -1.43
CA GLU A 100 0.46 30.98 -2.44
C GLU A 100 0.87 30.55 -3.85
N ALA A 101 1.79 29.60 -3.96
CA ALA A 101 2.34 29.20 -5.25
C ALA A 101 1.27 28.69 -6.21
N GLU A 102 0.35 27.88 -5.69
CA GLU A 102 -0.71 27.29 -6.52
C GLU A 102 -1.67 28.35 -7.04
N VAL A 103 -1.95 29.35 -6.21
CA VAL A 103 -2.82 30.45 -6.60
C VAL A 103 -2.14 31.29 -7.68
N LEU A 104 -0.83 31.47 -7.53
CA LEU A 104 -0.05 32.26 -8.49
C LEU A 104 -0.02 31.63 -9.87
N GLU A 105 0.24 30.32 -9.93
CA GLU A 105 0.34 29.63 -11.21
C GLU A 105 -1.03 29.51 -11.88
N HIS A 106 -2.09 29.76 -11.12
CA HIS A 106 -3.44 29.76 -11.66
C HIS A 106 -3.78 31.10 -12.29
N THR A 107 -3.28 32.18 -11.70
CA THR A 107 -3.67 33.53 -12.11
C THR A 107 -2.79 34.14 -13.20
N VAL A 108 -1.47 34.04 -13.03
CA VAL A 108 -0.52 34.77 -13.88
C VAL A 108 -0.64 34.41 -15.36
N SER A 109 -0.17 35.33 -16.21
CA SER A 109 -0.21 35.13 -17.65
C SER A 109 0.94 34.26 -18.12
N ASP A 110 0.90 33.87 -19.39
CA ASP A 110 1.96 33.05 -19.98
C ASP A 110 3.16 33.91 -20.36
N THR A 111 2.89 35.11 -20.85
CA THR A 111 3.96 36.04 -21.20
C THR A 111 4.75 36.41 -19.96
N PHE A 112 4.05 36.48 -18.82
CA PHE A 112 4.68 36.76 -17.53
C PHE A 112 5.69 35.68 -17.16
N ILE A 113 5.34 34.43 -17.41
CA ILE A 113 6.22 33.30 -17.12
C ILE A 113 7.40 33.27 -18.09
N ASP A 114 7.13 33.64 -19.35
CA ASP A 114 8.18 33.70 -20.36
C ASP A 114 9.26 34.69 -19.96
N ARG A 115 8.86 35.82 -19.41
CA ARG A 115 9.79 36.83 -18.93
C ARG A 115 10.45 36.39 -17.63
N LEU A 116 9.67 35.71 -16.78
CA LEU A 116 10.16 35.22 -15.50
C LEU A 116 11.26 34.19 -15.68
N ASP A 117 11.15 33.40 -16.74
CA ASP A 117 12.15 32.39 -17.08
C ASP A 117 13.47 33.09 -17.42
N LYS A 118 13.36 34.24 -18.08
CA LYS A 118 14.52 34.99 -18.54
C LYS A 118 15.32 35.58 -17.38
N ILE A 119 14.63 36.22 -16.44
CA ILE A 119 15.29 36.88 -15.33
C ILE A 119 15.84 35.90 -14.30
N LEU A 120 15.50 34.62 -14.46
CA LEU A 120 16.00 33.58 -13.57
C LEU A 120 17.18 32.84 -14.19
N ASP A 121 17.74 33.44 -15.25
CA ASP A 121 18.92 32.90 -15.93
C ASP A 121 18.68 31.48 -16.46
N PHE A 122 17.45 31.22 -16.89
CA PHE A 122 17.08 29.94 -17.50
C PHE A 122 17.44 28.73 -16.64
N PRO A 123 16.70 28.50 -15.55
CA PRO A 123 16.98 27.35 -14.69
C PRO A 123 16.55 26.04 -15.34
N ASP A 124 17.18 24.94 -14.96
CA ASP A 124 16.85 23.64 -15.53
C ASP A 124 16.18 22.73 -14.52
N PHE A 125 16.07 23.18 -13.27
CA PHE A 125 15.52 22.32 -12.23
C PHE A 125 14.69 23.03 -11.16
N CYS A 126 13.51 22.49 -10.92
CA CYS A 126 12.72 22.76 -9.73
C CYS A 126 13.57 22.46 -8.51
N PRO A 127 13.42 23.25 -7.44
CA PRO A 127 14.18 23.03 -6.20
C PRO A 127 13.92 21.64 -5.60
N HIS A 128 12.87 20.98 -6.09
CA HIS A 128 12.52 19.64 -5.64
C HIS A 128 13.11 18.58 -6.58
N GLY A 129 13.79 19.03 -7.61
CA GLY A 129 14.45 18.12 -8.55
C GLY A 129 13.71 17.96 -9.86
N GLY A 130 12.58 18.66 -9.99
CA GLY A 130 11.76 18.56 -11.19
C GLY A 130 12.37 19.27 -12.38
N THR A 131 12.11 18.74 -13.57
CA THR A 131 12.67 19.31 -14.79
C THR A 131 11.83 20.47 -15.32
N ILE A 132 12.49 21.59 -15.62
CA ILE A 132 11.83 22.76 -16.17
C ILE A 132 12.03 22.88 -17.68
N PRO A 133 10.97 22.62 -18.46
CA PRO A 133 11.04 22.72 -19.90
C PRO A 133 11.10 24.16 -20.40
N ARG A 134 11.74 24.39 -21.54
CA ARG A 134 11.80 25.71 -22.13
C ARG A 134 10.47 26.04 -22.82
N TYR A 135 10.36 27.25 -23.34
CA TYR A 135 9.14 27.69 -24.00
C TYR A 135 8.83 26.84 -25.23
N GLY A 136 7.62 26.28 -25.25
CA GLY A 136 7.17 25.45 -26.36
C GLY A 136 7.85 24.10 -26.42
N GLN A 137 8.60 23.77 -25.38
CA GLN A 137 9.33 22.51 -25.33
C GLN A 137 8.56 21.48 -24.49
N PRO A 138 8.62 20.21 -24.91
CA PRO A 138 7.94 19.12 -24.21
C PRO A 138 8.61 18.78 -22.89
N LEU A 139 7.88 18.13 -21.99
CA LEU A 139 8.41 17.77 -20.68
C LEU A 139 8.97 16.35 -20.65
N VAL A 140 10.24 16.24 -20.28
CA VAL A 140 10.88 14.93 -20.10
C VAL A 140 11.79 14.97 -18.87
N GLU A 141 11.45 14.18 -17.87
CA GLU A 141 12.14 14.22 -16.58
C GLU A 141 13.50 13.53 -16.62
N MET A 142 14.45 14.05 -15.84
CA MET A 142 15.76 13.44 -15.71
C MET A 142 15.70 12.30 -14.70
N ASN A 143 14.96 12.52 -13.62
CA ASN A 143 14.80 11.52 -12.57
C ASN A 143 13.50 10.77 -12.70
N THR A 144 13.59 9.49 -13.04
CA THR A 144 12.41 8.65 -13.25
C THR A 144 12.46 7.44 -12.33
N THR A 145 13.65 7.17 -11.79
CA THR A 145 13.85 6.03 -10.91
C THR A 145 13.33 6.29 -9.51
N THR A 146 12.24 5.60 -9.14
CA THR A 146 11.70 5.68 -7.79
C THR A 146 12.32 4.59 -6.91
N LEU A 147 12.35 4.83 -5.60
CA LEU A 147 13.03 3.93 -4.66
C LEU A 147 12.44 2.52 -4.65
N ASN A 148 11.13 2.42 -4.82
CA ASN A 148 10.43 1.15 -4.69
C ASN A 148 10.83 0.11 -5.75
N THR A 149 11.38 0.57 -6.87
CA THR A 149 11.72 -0.33 -7.96
C THR A 149 13.16 -0.84 -7.85
N ILE A 150 13.88 -0.35 -6.85
CA ILE A 150 15.27 -0.75 -6.64
C ILE A 150 15.35 -2.17 -6.08
N THR A 151 16.26 -2.97 -6.64
CA THR A 151 16.43 -4.35 -6.20
C THR A 151 17.80 -4.57 -5.53
N GLU A 152 18.82 -3.87 -6.04
CA GLU A 152 20.17 -4.03 -5.53
C GLU A 152 20.45 -3.10 -4.35
N LEU A 153 21.42 -3.47 -3.52
CA LEU A 153 21.86 -2.62 -2.42
C LEU A 153 22.93 -1.64 -2.92
N GLY A 154 23.26 -0.66 -2.08
CA GLY A 154 24.28 0.31 -2.43
C GLY A 154 23.97 1.72 -1.97
N ARG A 155 24.79 2.66 -2.44
CA ARG A 155 24.61 4.06 -2.08
C ARG A 155 23.71 4.78 -3.08
N PHE A 156 23.04 5.82 -2.62
CA PHE A 156 22.08 6.54 -3.47
C PHE A 156 22.05 8.04 -3.17
N ARG A 157 21.61 8.82 -4.15
CA ARG A 157 21.38 10.25 -3.95
C ARG A 157 19.91 10.59 -4.20
N LEU A 158 19.25 11.11 -3.17
CA LEU A 158 17.87 11.57 -3.30
C LEU A 158 17.78 12.76 -4.24
N SER A 159 17.35 12.52 -5.46
CA SER A 159 17.41 13.53 -6.51
C SER A 159 16.12 14.32 -6.68
N ARG A 160 14.97 13.66 -6.55
CA ARG A 160 13.70 14.35 -6.79
C ARG A 160 12.54 13.86 -5.91
N ILE A 161 11.70 14.82 -5.53
CA ILE A 161 10.39 14.53 -4.95
C ILE A 161 9.37 15.43 -5.65
N HIS A 162 8.10 15.32 -5.26
CA HIS A 162 7.09 16.26 -5.73
C HIS A 162 6.70 17.21 -4.60
N ASP A 163 6.26 18.41 -4.95
CA ASP A 163 5.95 19.43 -3.95
C ASP A 163 4.68 19.13 -3.14
N HIS A 164 4.75 18.14 -2.26
CA HIS A 164 3.64 17.85 -1.35
C HIS A 164 3.99 18.24 0.07
N PHE A 165 3.07 18.95 0.72
CA PHE A 165 3.31 19.46 2.06
C PHE A 165 3.67 18.35 3.04
N ASP A 166 2.79 17.35 3.13
CA ASP A 166 2.97 16.23 4.03
C ASP A 166 4.30 15.51 3.79
N LEU A 167 4.64 15.31 2.52
CA LEU A 167 5.87 14.61 2.16
C LEU A 167 7.10 15.40 2.58
N ILE A 168 7.09 16.71 2.30
CA ILE A 168 8.21 17.58 2.65
C ILE A 168 8.34 17.67 4.17
N GLN A 169 7.21 17.68 4.86
CA GLN A 169 7.20 17.64 6.32
C GLN A 169 7.86 16.35 6.82
N TYR A 170 7.53 15.24 6.16
CA TYR A 170 8.10 13.95 6.50
C TYR A 170 9.61 13.94 6.28
N LEU A 171 10.05 14.57 5.20
CA LEU A 171 11.46 14.57 4.83
C LEU A 171 12.27 15.52 5.70
N GLU A 172 11.70 16.70 5.98
CA GLU A 172 12.40 17.68 6.81
C GLU A 172 12.44 17.25 8.27
N THR A 173 11.49 16.42 8.66
CA THR A 173 11.45 15.91 10.03
C THR A 173 12.61 14.94 10.28
N HIS A 174 12.82 14.03 9.33
CA HIS A 174 13.90 13.07 9.43
C HIS A 174 15.21 13.65 8.88
N HIS A 175 15.24 14.97 8.71
CA HIS A 175 16.40 15.67 8.16
C HIS A 175 16.84 15.05 6.84
N LEU A 176 15.96 15.11 5.85
CA LEU A 176 16.21 14.46 4.56
C LEU A 176 15.90 15.41 3.41
N ASN A 177 16.94 16.10 2.92
CA ASN A 177 16.76 17.09 1.87
C ASN A 177 17.13 16.53 0.49
N ILE A 178 16.84 17.29 -0.56
CA ILE A 178 17.21 16.91 -1.91
C ILE A 178 18.73 16.91 -2.03
N ASN A 179 19.26 15.92 -2.77
CA ASN A 179 20.69 15.78 -3.01
C ASN A 179 21.47 15.35 -1.78
N THR A 180 20.79 14.80 -0.79
CA THR A 180 21.46 14.22 0.35
C THR A 180 21.90 12.80 -0.01
N GLU A 181 23.01 12.35 0.56
CA GLU A 181 23.54 11.03 0.24
C GLU A 181 23.23 10.00 1.32
N LEU A 182 22.96 8.77 0.90
CA LEU A 182 22.60 7.70 1.81
C LEU A 182 22.93 6.34 1.24
N THR A 183 22.90 5.31 2.09
CA THR A 183 23.17 3.96 1.65
C THR A 183 22.02 3.02 2.01
N LEU A 184 21.60 2.23 1.03
CA LEU A 184 20.50 1.28 1.23
C LEU A 184 21.00 0.03 1.94
N THR A 185 20.66 -0.08 3.23
CA THR A 185 21.13 -1.19 4.05
C THR A 185 20.31 -2.46 3.83
N GLN A 186 19.05 -2.43 4.23
CA GLN A 186 18.19 -3.59 4.12
C GLN A 186 17.05 -3.37 3.13
N ILE A 187 16.71 -4.42 2.38
CA ILE A 187 15.56 -4.37 1.49
C ILE A 187 14.70 -5.62 1.68
N ASP A 188 13.70 -5.51 2.55
CA ASP A 188 12.79 -6.62 2.82
C ASP A 188 11.81 -6.76 1.66
N THR A 189 11.75 -7.96 1.07
CA THR A 189 10.92 -8.19 -0.11
C THR A 189 9.50 -8.57 0.27
N PHE A 190 9.30 -9.02 1.50
CA PHE A 190 7.98 -9.41 1.97
C PHE A 190 7.19 -8.19 2.46
N ALA A 191 7.73 -7.53 3.48
CA ALA A 191 7.09 -6.35 4.04
C ALA A 191 7.23 -5.15 3.10
N LYS A 192 8.10 -5.30 2.11
CA LYS A 192 8.38 -4.25 1.13
C LYS A 192 8.85 -2.98 1.82
N THR A 193 9.85 -3.12 2.68
CA THR A 193 10.46 -1.99 3.37
C THR A 193 11.86 -1.72 2.84
N TYR A 194 12.24 -0.46 2.84
CA TYR A 194 13.57 -0.07 2.40
C TYR A 194 14.30 0.68 3.51
N THR A 195 15.25 0.01 4.14
CA THR A 195 15.99 0.59 5.25
C THR A 195 17.23 1.33 4.74
N ILE A 196 17.35 2.60 5.12
CA ILE A 196 18.46 3.42 4.67
C ILE A 196 19.23 4.06 5.83
N CYS A 197 20.50 4.35 5.58
CA CYS A 197 21.34 5.01 6.58
C CYS A 197 22.02 6.23 5.98
N TYR A 198 21.89 7.37 6.65
CA TYR A 198 22.50 8.62 6.19
C TYR A 198 23.03 9.41 7.36
N GLY A 199 24.33 9.72 7.32
CA GLY A 199 24.98 10.45 8.40
C GLY A 199 24.91 9.70 9.71
N ASP A 200 24.16 10.22 10.65
CA ASP A 200 24.00 9.60 11.95
C ASP A 200 22.55 9.17 12.16
N LYS A 201 21.86 8.86 11.07
CA LYS A 201 20.45 8.50 11.15
C LYS A 201 20.11 7.26 10.32
N GLU A 202 19.16 6.48 10.81
CA GLU A 202 18.62 5.33 10.09
C GLU A 202 17.11 5.47 9.96
N LEU A 203 16.59 5.21 8.77
CA LEU A 203 15.16 5.36 8.52
C LEU A 203 14.62 4.23 7.65
N VAL A 204 13.51 3.65 8.07
CA VAL A 204 12.85 2.61 7.29
C VAL A 204 11.70 3.21 6.48
N ILE A 205 11.68 2.93 5.18
CA ILE A 205 10.70 3.53 4.29
C ILE A 205 9.78 2.49 3.67
N PRO A 206 8.48 2.58 3.99
CA PRO A 206 7.48 1.67 3.39
C PRO A 206 7.29 1.97 1.92
N GLU A 207 6.66 1.06 1.19
CA GLU A 207 6.53 1.19 -0.26
C GLU A 207 5.76 2.44 -0.68
N ASN A 208 4.76 2.83 0.11
CA ASN A 208 3.94 3.99 -0.21
C ASN A 208 4.71 5.30 -0.15
N ILE A 209 5.77 5.33 0.65
CA ILE A 209 6.61 6.52 0.75
C ILE A 209 7.78 6.41 -0.25
N ALA A 210 8.21 5.19 -0.50
CA ALA A 210 9.32 4.93 -1.41
C ALA A 210 8.94 5.22 -2.86
N LYS A 211 7.65 5.16 -3.16
CA LYS A 211 7.16 5.43 -4.51
C LYS A 211 7.20 6.93 -4.82
N GLN A 212 7.31 7.74 -3.76
CA GLN A 212 7.33 9.19 -3.92
C GLN A 212 8.76 9.74 -3.91
N LEU A 213 9.72 8.87 -3.65
CA LEU A 213 11.12 9.29 -3.60
C LEU A 213 11.88 8.86 -4.85
N TYR A 214 12.24 9.84 -5.69
CA TYR A 214 13.01 9.57 -6.90
C TYR A 214 14.51 9.61 -6.58
N VAL A 215 15.19 8.47 -6.72
CA VAL A 215 16.60 8.39 -6.36
C VAL A 215 17.50 8.12 -7.55
N THR A 216 18.78 8.45 -7.39
CA THR A 216 19.80 8.15 -8.40
C THR A 216 20.86 7.24 -7.80
N ALA A 217 21.22 6.19 -8.53
CA ALA A 217 22.13 5.17 -8.01
C ALA A 217 23.55 5.68 -7.85
N LEU A 218 24.13 5.40 -6.69
CA LEU A 218 25.55 5.62 -6.42
C LEU A 218 26.01 7.04 -6.72
N GLU B 9 -12.25 -24.11 -5.12
CA GLU B 9 -12.28 -25.00 -3.97
C GLU B 9 -11.56 -24.40 -2.77
N ASP B 10 -10.26 -24.65 -2.68
CA ASP B 10 -9.44 -24.08 -1.62
C ASP B 10 -9.15 -22.62 -1.90
N TYR B 11 -9.60 -22.16 -3.07
CA TYR B 11 -9.39 -20.80 -3.52
C TYR B 11 -10.65 -19.98 -3.29
N LEU B 12 -11.76 -20.68 -3.03
CA LEU B 12 -13.00 -20.06 -2.59
C LEU B 12 -12.87 -19.73 -1.11
N LYS B 13 -11.85 -20.30 -0.48
CA LYS B 13 -11.55 -20.03 0.92
C LYS B 13 -11.16 -18.57 1.13
N CYS B 14 -10.66 -17.93 0.08
CA CYS B 14 -10.11 -16.58 0.21
C CYS B 14 -11.00 -15.50 -0.39
N ILE B 15 -12.11 -15.90 -1.01
CA ILE B 15 -13.12 -14.92 -1.41
C ILE B 15 -13.81 -14.44 -0.14
N TYR B 16 -13.72 -15.27 0.90
CA TYR B 16 -14.21 -14.94 2.23
C TYR B 16 -13.17 -14.12 2.98
N GLU B 17 -11.91 -14.27 2.59
CA GLU B 17 -10.81 -13.57 3.23
C GLU B 17 -10.69 -12.15 2.70
N ILE B 18 -11.00 -11.95 1.43
CA ILE B 18 -11.06 -10.61 0.86
C ILE B 18 -12.43 -10.00 1.12
N GLY B 19 -13.37 -10.86 1.51
CA GLY B 19 -14.67 -10.41 1.98
C GLY B 19 -14.54 -9.98 3.43
N GLU B 20 -13.38 -10.29 3.97
CA GLU B 20 -13.04 -9.90 5.31
C GLU B 20 -12.57 -8.44 5.27
N GLN B 21 -12.58 -7.84 4.06
CA GLN B 21 -12.17 -6.45 3.84
C GLN B 21 -10.65 -6.34 3.68
N GLU B 22 -9.98 -7.47 3.72
CA GLU B 22 -8.53 -7.49 3.60
C GLU B 22 -7.99 -6.59 2.49
N THR B 26 -15.33 -8.23 -5.96
CA THR B 26 -15.26 -8.14 -7.41
C THR B 26 -14.18 -9.05 -7.98
N ASN B 27 -13.93 -8.94 -9.28
CA ASN B 27 -13.01 -9.84 -9.96
C ASN B 27 -11.53 -9.43 -9.82
N LYS B 28 -11.26 -8.14 -9.95
CA LYS B 28 -9.89 -7.63 -9.91
C LYS B 28 -9.22 -7.89 -8.57
N MET B 29 -10.03 -7.96 -7.51
CA MET B 29 -9.51 -8.26 -6.17
C MET B 29 -9.12 -9.72 -6.05
N VAL B 30 -9.79 -10.58 -6.81
CA VAL B 30 -9.54 -12.01 -6.76
C VAL B 30 -8.20 -12.38 -7.40
N ALA B 31 -7.99 -11.88 -8.62
CA ALA B 31 -6.80 -12.23 -9.38
C ALA B 31 -5.51 -11.70 -8.75
N GLU B 32 -5.61 -10.54 -8.11
CA GLU B 32 -4.44 -9.88 -7.56
C GLU B 32 -4.06 -10.40 -6.17
N LYS B 33 -5.06 -10.88 -5.43
CA LYS B 33 -4.83 -11.37 -4.07
C LYS B 33 -4.31 -12.82 -4.07
N MET B 34 -5.08 -13.72 -4.67
CA MET B 34 -4.74 -15.14 -4.63
C MET B 34 -4.08 -15.63 -5.91
N HIS B 35 -3.43 -14.72 -6.64
CA HIS B 35 -2.72 -15.00 -7.89
C HIS B 35 -3.42 -16.03 -8.78
N VAL B 36 -4.70 -15.80 -9.04
CA VAL B 36 -5.48 -16.69 -9.89
C VAL B 36 -5.48 -16.20 -11.33
N SER B 37 -5.62 -17.12 -12.27
CA SER B 37 -5.66 -16.78 -13.70
C SER B 37 -6.82 -15.84 -13.99
N ALA B 38 -6.52 -14.71 -14.64
CA ALA B 38 -7.52 -13.69 -14.95
C ALA B 38 -8.76 -14.22 -15.70
N PRO B 39 -8.57 -15.09 -16.71
CA PRO B 39 -9.80 -15.63 -17.30
C PRO B 39 -10.47 -16.65 -16.38
N ALA B 40 -9.69 -17.28 -15.52
CA ALA B 40 -10.22 -18.27 -14.59
C ALA B 40 -10.71 -17.62 -13.30
N VAL B 41 -10.83 -16.30 -13.32
CA VAL B 41 -11.38 -15.56 -12.18
C VAL B 41 -12.86 -15.29 -12.39
N SER B 42 -13.22 -14.94 -13.63
CA SER B 42 -14.61 -14.62 -13.95
C SER B 42 -15.36 -15.82 -14.53
N GLU B 43 -14.64 -16.70 -15.23
CA GLU B 43 -15.25 -17.86 -15.86
C GLU B 43 -15.35 -19.06 -14.93
N MET B 44 -14.75 -18.96 -13.74
CA MET B 44 -14.86 -20.00 -12.74
C MET B 44 -16.13 -19.82 -11.93
N ILE B 45 -16.61 -18.57 -11.90
CA ILE B 45 -17.80 -18.21 -11.15
C ILE B 45 -19.05 -18.92 -11.67
N LYS B 46 -19.05 -19.23 -12.97
CA LYS B 46 -20.21 -19.86 -13.60
C LYS B 46 -20.51 -21.24 -13.02
N LYS B 47 -19.50 -21.84 -12.39
CA LYS B 47 -19.66 -23.14 -11.74
C LYS B 47 -20.04 -22.97 -10.27
N MET B 48 -19.54 -21.89 -9.68
CA MET B 48 -19.76 -21.63 -8.26
C MET B 48 -21.14 -21.04 -7.97
N ILE B 49 -21.70 -20.34 -8.95
CA ILE B 49 -23.04 -19.78 -8.78
C ILE B 49 -24.10 -20.87 -8.85
N SER B 50 -23.77 -21.96 -9.53
CA SER B 50 -24.68 -23.09 -9.68
C SER B 50 -24.73 -23.92 -8.40
N GLN B 51 -25.93 -24.30 -8.00
CA GLN B 51 -26.16 -25.12 -6.81
C GLN B 51 -25.62 -24.47 -5.54
N GLY B 52 -26.24 -23.36 -5.15
CA GLY B 52 -25.90 -22.68 -3.91
C GLY B 52 -24.63 -21.84 -3.99
N TRP B 53 -24.47 -20.94 -3.02
CA TRP B 53 -23.31 -20.05 -2.89
C TRP B 53 -22.83 -19.48 -4.22
N ASP B 57 -25.02 -8.78 -9.05
CA ASP B 57 -25.87 -8.65 -7.87
C ASP B 57 -25.56 -7.34 -7.14
N LYS B 58 -26.50 -6.88 -6.32
CA LYS B 58 -26.32 -5.64 -5.56
C LYS B 58 -25.33 -5.86 -4.42
N ALA B 59 -25.28 -4.92 -3.48
CA ALA B 59 -24.29 -4.91 -2.41
C ALA B 59 -22.87 -4.92 -2.98
N LYS B 60 -22.03 -5.84 -2.50
CA LYS B 60 -20.66 -5.96 -2.99
C LYS B 60 -20.60 -6.81 -4.25
N GLY B 61 -19.40 -7.25 -4.60
CA GLY B 61 -19.18 -8.03 -5.80
C GLY B 61 -19.94 -9.34 -5.81
N TYR B 62 -19.82 -10.10 -4.73
CA TYR B 62 -20.44 -11.41 -4.64
C TYR B 62 -21.01 -11.69 -3.26
N LEU B 63 -22.05 -12.52 -3.20
CA LEU B 63 -22.66 -12.92 -1.94
C LEU B 63 -22.83 -14.44 -1.89
N LEU B 64 -22.18 -15.09 -0.93
CA LEU B 64 -22.32 -16.53 -0.78
C LEU B 64 -23.53 -16.87 0.08
N LYS B 65 -24.13 -18.03 -0.19
CA LYS B 65 -25.32 -18.48 0.52
C LYS B 65 -24.92 -19.21 1.81
N ASP B 66 -25.89 -19.52 2.64
CA ASP B 66 -25.64 -20.30 3.86
C ASP B 66 -25.14 -21.69 3.48
N LYS B 67 -25.39 -22.10 2.25
CA LYS B 67 -24.84 -23.34 1.71
C LYS B 67 -23.33 -23.23 1.56
N GLY B 68 -22.83 -22.00 1.44
CA GLY B 68 -21.41 -21.75 1.28
C GLY B 68 -20.70 -21.37 2.56
N TYR B 69 -21.33 -20.50 3.35
CA TYR B 69 -20.77 -20.04 4.63
C TYR B 69 -20.51 -21.21 5.57
N ALA B 70 -21.39 -22.20 5.56
CA ALA B 70 -21.27 -23.35 6.44
C ALA B 70 -20.16 -24.29 5.97
N LEU B 71 -19.94 -24.34 4.66
CA LEU B 71 -18.95 -25.26 4.10
C LEU B 71 -17.52 -24.80 4.39
N VAL B 72 -17.23 -23.52 4.22
CA VAL B 72 -15.88 -23.01 4.46
C VAL B 72 -15.50 -23.11 5.95
N ALA B 73 -16.51 -23.04 6.82
CA ALA B 73 -16.29 -23.21 8.25
C ALA B 73 -15.73 -24.59 8.56
N ASN B 74 -16.15 -25.59 7.78
CA ASN B 74 -15.64 -26.95 7.94
C ASN B 74 -14.23 -27.08 7.37
N LEU B 75 -13.91 -26.25 6.39
CA LEU B 75 -12.58 -26.24 5.80
C LEU B 75 -11.55 -25.67 6.78
N TYR B 76 -11.88 -24.54 7.39
CA TYR B 76 -11.01 -23.94 8.40
C TYR B 76 -10.95 -24.84 9.64
N ARG B 77 -12.05 -25.55 9.88
CA ARG B 77 -12.12 -26.49 10.99
C ARG B 77 -11.10 -27.61 10.81
N LYS B 78 -11.10 -28.24 9.63
CA LYS B 78 -10.11 -29.25 9.28
C LYS B 78 -8.70 -28.70 9.43
N HIS B 79 -8.48 -27.53 8.85
CA HIS B 79 -7.16 -26.92 8.80
C HIS B 79 -6.57 -26.67 10.18
N ARG B 80 -7.29 -25.92 11.00
CA ARG B 80 -6.76 -25.49 12.30
C ARG B 80 -6.70 -26.64 13.30
N LEU B 81 -7.64 -27.58 13.21
CA LEU B 81 -7.60 -28.75 14.08
C LEU B 81 -6.37 -29.60 13.83
N ILE B 82 -6.05 -29.78 12.55
CA ILE B 82 -4.86 -30.51 12.16
C ILE B 82 -3.61 -29.77 12.62
N GLU B 83 -3.63 -28.44 12.48
CA GLU B 83 -2.53 -27.61 12.96
C GLU B 83 -2.31 -27.79 14.45
N VAL B 84 -3.38 -27.74 15.23
CA VAL B 84 -3.30 -27.97 16.67
C VAL B 84 -2.64 -29.32 16.96
N PHE B 85 -3.04 -30.34 16.21
CA PHE B 85 -2.52 -31.68 16.42
C PHE B 85 -1.03 -31.76 16.09
N LEU B 86 -0.64 -31.21 14.94
CA LEU B 86 0.75 -31.24 14.52
C LEU B 86 1.67 -30.48 15.48
N ILE B 87 1.35 -29.22 15.73
CA ILE B 87 2.20 -28.36 16.56
C ILE B 87 2.22 -28.79 18.03
N HIS B 88 1.05 -28.93 18.63
CA HIS B 88 0.97 -29.15 20.08
C HIS B 88 1.27 -30.59 20.49
N GLN B 89 0.95 -31.55 19.63
CA GLN B 89 1.12 -32.95 19.97
C GLN B 89 2.32 -33.60 19.27
N LEU B 90 2.52 -33.27 18.00
CA LEU B 90 3.57 -33.90 17.22
C LEU B 90 4.84 -33.05 17.12
N GLY B 91 4.84 -31.90 17.79
CA GLY B 91 6.01 -31.04 17.84
C GLY B 91 6.51 -30.58 16.47
N TYR B 92 5.57 -30.30 15.57
CA TYR B 92 5.90 -29.83 14.23
C TYR B 92 6.42 -28.40 14.24
N ASN B 93 7.12 -28.03 13.17
CA ASN B 93 7.51 -26.64 12.96
C ASN B 93 6.88 -26.10 11.69
N THR B 94 7.03 -24.80 11.45
CA THR B 94 6.32 -24.11 10.37
C THR B 94 6.54 -24.71 8.98
N GLN B 95 7.76 -25.16 8.70
CA GLN B 95 8.08 -25.76 7.41
C GLN B 95 7.34 -27.08 7.22
N GLU B 96 7.48 -27.97 8.19
CA GLU B 96 6.84 -29.27 8.14
C GLU B 96 5.32 -29.14 8.07
N VAL B 97 4.78 -28.16 8.79
CA VAL B 97 3.35 -27.89 8.80
C VAL B 97 2.86 -27.45 7.42
N HIS B 98 3.59 -26.53 6.80
CA HIS B 98 3.22 -26.00 5.49
C HIS B 98 3.27 -27.08 4.40
N GLN B 99 4.06 -28.11 4.63
CA GLN B 99 4.19 -29.20 3.67
C GLN B 99 3.22 -30.34 3.94
N GLU B 100 2.82 -30.50 5.20
CA GLU B 100 2.01 -31.64 5.61
C GLU B 100 0.53 -31.32 5.74
N ALA B 101 0.21 -30.22 6.40
CA ALA B 101 -1.18 -29.88 6.76
C ALA B 101 -2.09 -29.73 5.55
N GLU B 102 -1.60 -29.07 4.50
CA GLU B 102 -2.41 -28.82 3.31
C GLU B 102 -2.87 -30.11 2.64
N VAL B 103 -2.03 -31.14 2.71
CA VAL B 103 -2.36 -32.44 2.13
C VAL B 103 -3.26 -33.23 3.06
N LEU B 104 -2.98 -33.16 4.35
CA LEU B 104 -3.76 -33.88 5.37
C LEU B 104 -5.23 -33.50 5.34
N GLU B 105 -5.51 -32.19 5.28
CA GLU B 105 -6.88 -31.71 5.25
C GLU B 105 -7.57 -32.06 3.94
N HIS B 106 -6.77 -32.41 2.93
CA HIS B 106 -7.30 -32.82 1.64
C HIS B 106 -7.61 -34.31 1.60
N THR B 107 -7.04 -35.06 2.54
CA THR B 107 -7.16 -36.51 2.53
C THR B 107 -8.09 -37.06 3.60
N VAL B 108 -8.01 -36.53 4.81
CA VAL B 108 -8.77 -37.07 5.93
C VAL B 108 -10.26 -36.77 5.82
N SER B 109 -11.07 -37.57 6.51
CA SER B 109 -12.52 -37.44 6.46
C SER B 109 -13.05 -36.60 7.61
N ASP B 110 -14.34 -36.30 7.57
CA ASP B 110 -14.98 -35.51 8.62
C ASP B 110 -15.02 -36.28 9.94
N THR B 111 -15.23 -37.59 9.86
CA THR B 111 -15.27 -38.43 11.05
C THR B 111 -13.93 -38.36 11.77
N PHE B 112 -12.85 -38.32 10.99
CA PHE B 112 -11.51 -38.30 11.53
C PHE B 112 -11.25 -37.06 12.39
N ILE B 113 -11.62 -35.89 11.89
CA ILE B 113 -11.38 -34.65 12.60
C ILE B 113 -12.36 -34.47 13.77
N ASP B 114 -13.51 -35.13 13.68
CA ASP B 114 -14.50 -35.08 14.75
C ASP B 114 -13.98 -35.82 15.98
N ARG B 115 -13.40 -37.00 15.76
CA ARG B 115 -12.78 -37.76 16.83
C ARG B 115 -11.59 -36.99 17.39
N LEU B 116 -10.84 -36.37 16.49
CA LEU B 116 -9.65 -35.60 16.85
C LEU B 116 -9.99 -34.41 17.73
N ASP B 117 -11.12 -33.76 17.41
CA ASP B 117 -11.60 -32.62 18.17
C ASP B 117 -11.86 -33.03 19.62
N LYS B 118 -12.41 -34.24 19.78
CA LYS B 118 -12.69 -34.78 21.11
C LYS B 118 -11.39 -35.08 21.84
N ILE B 119 -10.42 -35.62 21.11
CA ILE B 119 -9.13 -35.98 21.67
C ILE B 119 -8.38 -34.77 22.21
N LEU B 120 -8.40 -33.68 21.46
CA LEU B 120 -7.65 -32.48 21.81
C LEU B 120 -8.33 -31.65 22.91
N ASP B 121 -9.18 -32.30 23.70
CA ASP B 121 -9.86 -31.67 24.84
C ASP B 121 -10.70 -30.47 24.41
N PHE B 122 -11.15 -30.49 23.15
CA PHE B 122 -11.93 -29.40 22.57
C PHE B 122 -11.26 -28.04 22.74
N PRO B 123 -10.24 -27.77 21.91
CA PRO B 123 -9.53 -26.49 21.96
C PRO B 123 -10.32 -25.38 21.26
N ASP B 124 -10.14 -24.15 21.71
CA ASP B 124 -10.87 -23.01 21.17
C ASP B 124 -10.15 -22.37 20.01
N PHE B 125 -8.84 -22.24 20.14
CA PHE B 125 -8.08 -21.51 19.14
C PHE B 125 -7.02 -22.33 18.41
N CYS B 126 -6.75 -21.90 17.18
CA CYS B 126 -5.62 -22.35 16.39
C CYS B 126 -4.34 -21.77 16.99
N PRO B 127 -3.21 -22.46 16.83
CA PRO B 127 -1.92 -21.96 17.34
C PRO B 127 -1.58 -20.57 16.79
N HIS B 128 -2.15 -20.20 15.64
CA HIS B 128 -1.96 -18.85 15.11
C HIS B 128 -2.88 -17.86 15.82
N GLY B 129 -3.95 -18.37 16.42
CA GLY B 129 -4.88 -17.53 17.16
C GLY B 129 -6.26 -17.48 16.54
N GLY B 130 -6.48 -18.30 15.53
CA GLY B 130 -7.77 -18.36 14.86
C GLY B 130 -8.75 -19.26 15.59
N THR B 131 -10.02 -18.87 15.59
CA THR B 131 -11.05 -19.64 16.27
C THR B 131 -11.39 -20.92 15.51
N ILE B 132 -11.76 -21.97 16.26
CA ILE B 132 -12.10 -23.25 15.66
C ILE B 132 -13.60 -23.54 15.78
N PRO B 133 -14.34 -23.40 14.67
CA PRO B 133 -15.79 -23.64 14.67
C PRO B 133 -16.17 -25.07 15.07
N ARG B 134 -17.31 -25.23 15.72
CA ARG B 134 -17.77 -26.56 16.13
C ARG B 134 -19.26 -26.85 16.02
N TYR B 135 -19.58 -28.09 15.65
CA TYR B 135 -20.96 -28.54 15.50
C TYR B 135 -21.72 -27.80 14.40
N GLY B 136 -21.04 -27.50 13.30
CA GLY B 136 -21.67 -26.81 12.18
C GLY B 136 -21.93 -25.34 12.42
N GLN B 137 -21.34 -24.80 13.47
CA GLN B 137 -21.46 -23.37 13.75
C GLN B 137 -20.71 -22.57 12.71
N PRO B 138 -21.29 -21.43 12.29
CA PRO B 138 -20.58 -20.52 11.38
C PRO B 138 -19.29 -20.00 12.00
N LEU B 139 -18.32 -19.65 11.17
CA LEU B 139 -17.02 -19.18 11.66
C LEU B 139 -17.12 -17.78 12.25
N VAL B 140 -16.85 -17.67 13.56
CA VAL B 140 -16.88 -16.38 14.25
C VAL B 140 -15.54 -16.09 14.90
N GLU B 141 -14.77 -15.19 14.28
CA GLU B 141 -13.46 -14.83 14.81
C GLU B 141 -13.57 -13.93 16.04
N MET B 142 -13.00 -14.38 17.14
CA MET B 142 -12.98 -13.58 18.36
C MET B 142 -12.06 -12.38 18.19
N ASN B 143 -10.89 -12.62 17.61
CA ASN B 143 -9.92 -11.56 17.36
C ASN B 143 -10.10 -10.94 15.99
N THR B 144 -10.61 -9.71 15.95
CA THR B 144 -10.91 -9.03 14.70
C THR B 144 -10.13 -7.72 14.57
N THR B 145 -9.78 -7.13 15.71
CA THR B 145 -9.09 -5.85 15.74
C THR B 145 -7.66 -5.98 15.21
N THR B 146 -7.43 -5.45 14.01
CA THR B 146 -6.11 -5.45 13.41
C THR B 146 -5.28 -4.28 13.92
N LEU B 147 -3.98 -4.30 13.60
CA LEU B 147 -3.05 -3.29 14.10
C LEU B 147 -3.22 -1.94 13.42
N ASN B 148 -3.50 -1.96 12.12
CA ASN B 148 -3.60 -0.73 11.35
C ASN B 148 -4.77 0.15 11.76
N THR B 149 -5.76 -0.45 12.42
CA THR B 149 -6.95 0.28 12.85
C THR B 149 -6.68 1.06 14.14
N ILE B 150 -5.67 0.63 14.88
CA ILE B 150 -5.33 1.27 16.15
C ILE B 150 -4.88 2.71 15.96
N THR B 151 -5.59 3.64 16.61
CA THR B 151 -5.27 5.06 16.51
C THR B 151 -4.67 5.58 17.80
N GLU B 152 -5.10 5.01 18.92
CA GLU B 152 -4.56 5.38 20.23
C GLU B 152 -3.24 4.66 20.47
N LEU B 153 -2.48 5.14 21.45
CA LEU B 153 -1.26 4.46 21.85
C LEU B 153 -1.57 3.50 23.00
N GLY B 154 -0.53 2.86 23.54
CA GLY B 154 -0.70 1.92 24.64
C GLY B 154 0.01 0.62 24.38
N ARG B 155 -0.24 -0.37 25.24
CA ARG B 155 0.40 -1.67 25.12
C ARG B 155 -0.61 -2.77 24.85
N PHE B 156 -0.27 -3.68 23.95
CA PHE B 156 -1.20 -4.71 23.49
C PHE B 156 -0.59 -6.10 23.54
N ARG B 157 -1.39 -7.11 23.20
CA ARG B 157 -0.90 -8.47 23.07
C ARG B 157 -1.25 -9.02 21.70
N LEU B 158 -0.24 -9.56 21.01
CA LEU B 158 -0.47 -10.15 19.69
C LEU B 158 -1.31 -11.42 19.82
N SER B 159 -2.58 -11.32 19.45
CA SER B 159 -3.53 -12.41 19.68
C SER B 159 -3.67 -13.36 18.50
N ARG B 160 -3.87 -12.79 17.30
CA ARG B 160 -4.12 -13.62 16.12
C ARG B 160 -3.31 -13.18 14.91
N ILE B 161 -2.81 -14.15 14.16
CA ILE B 161 -2.21 -13.90 12.85
C ILE B 161 -2.89 -14.77 11.81
N HIS B 162 -2.72 -14.43 10.54
CA HIS B 162 -3.30 -15.23 9.46
C HIS B 162 -2.47 -16.51 9.25
N ASP B 163 -3.04 -17.45 8.51
CA ASP B 163 -2.44 -18.77 8.34
C ASP B 163 -1.42 -18.82 7.19
N HIS B 164 -0.89 -17.66 6.81
CA HIS B 164 0.07 -17.59 5.72
C HIS B 164 1.45 -18.00 6.11
N PHE B 165 2.17 -18.57 5.17
CA PHE B 165 3.51 -19.10 5.46
C PHE B 165 4.55 -18.00 5.62
N ASP B 166 4.71 -17.17 4.59
CA ASP B 166 5.73 -16.13 4.58
C ASP B 166 5.55 -15.12 5.71
N LEU B 167 4.32 -14.95 6.17
CA LEU B 167 4.02 -14.06 7.27
C LEU B 167 4.64 -14.59 8.57
N ILE B 168 4.55 -15.90 8.78
CA ILE B 168 5.13 -16.52 9.97
C ILE B 168 6.65 -16.52 9.87
N GLN B 169 7.15 -16.63 8.64
CA GLN B 169 8.58 -16.49 8.37
C GLN B 169 9.06 -15.13 8.85
N TYR B 170 8.31 -14.09 8.50
CA TYR B 170 8.61 -12.73 8.90
C TYR B 170 8.56 -12.57 10.41
N LEU B 171 7.58 -13.20 11.05
CA LEU B 171 7.40 -13.08 12.50
C LEU B 171 8.49 -13.81 13.27
N GLU B 172 8.78 -15.04 12.87
CA GLU B 172 9.80 -15.85 13.54
C GLU B 172 11.20 -15.31 13.27
N THR B 173 11.33 -14.50 12.21
CA THR B 173 12.58 -13.83 11.91
C THR B 173 12.86 -12.76 12.96
N HIS B 174 11.85 -11.95 13.26
CA HIS B 174 11.99 -10.87 14.24
C HIS B 174 11.65 -11.34 15.64
N HIS B 175 11.48 -12.65 15.81
CA HIS B 175 11.17 -13.26 17.10
C HIS B 175 9.91 -12.66 17.71
N LEU B 176 8.89 -12.48 16.89
CA LEU B 176 7.62 -11.93 17.33
C LEU B 176 6.55 -13.01 17.35
N ASN B 177 6.41 -13.68 18.50
CA ASN B 177 5.50 -14.82 18.62
C ASN B 177 4.08 -14.41 18.98
N ILE B 178 3.17 -15.38 18.96
CA ILE B 178 1.78 -15.16 19.32
C ILE B 178 1.67 -15.04 20.85
N ASN B 179 0.78 -14.16 21.31
CA ASN B 179 0.60 -13.86 22.73
C ASN B 179 1.85 -13.21 23.31
N THR B 180 2.47 -12.35 22.51
CA THR B 180 3.63 -11.58 22.95
C THR B 180 3.21 -10.21 23.44
N GLU B 181 3.69 -9.82 24.62
CA GLU B 181 3.41 -8.51 25.17
C GLU B 181 4.24 -7.44 24.46
N LEU B 182 3.56 -6.46 23.87
CA LEU B 182 4.24 -5.39 23.15
C LEU B 182 3.75 -4.01 23.57
N THR B 183 4.42 -2.98 23.07
CA THR B 183 4.04 -1.60 23.35
C THR B 183 4.15 -0.75 22.10
N LEU B 184 3.05 -0.11 21.72
CA LEU B 184 3.02 0.75 20.54
C LEU B 184 3.48 2.16 20.90
N THR B 185 4.57 2.59 20.27
CA THR B 185 5.20 3.86 20.62
C THR B 185 4.91 4.98 19.62
N GLN B 186 5.10 4.69 18.33
CA GLN B 186 4.91 5.69 17.30
C GLN B 186 3.90 5.27 16.23
N ILE B 187 2.95 6.15 15.95
CA ILE B 187 2.00 5.93 14.86
C ILE B 187 2.17 7.02 13.80
N ASP B 188 3.05 6.77 12.83
CA ASP B 188 3.24 7.72 11.74
C ASP B 188 2.00 7.74 10.86
N THR B 189 1.26 8.83 10.92
CA THR B 189 -0.02 8.92 10.21
C THR B 189 0.16 9.13 8.70
N PHE B 190 1.27 9.76 8.31
CA PHE B 190 1.53 10.02 6.91
C PHE B 190 2.19 8.82 6.23
N ALA B 191 3.15 8.21 6.92
CA ALA B 191 3.86 7.06 6.39
C ALA B 191 3.11 5.77 6.65
N LYS B 192 2.02 5.88 7.43
CA LYS B 192 1.19 4.73 7.80
C LYS B 192 2.06 3.64 8.42
N THR B 193 2.88 4.04 9.38
CA THR B 193 3.87 3.15 9.99
C THR B 193 3.64 3.02 11.49
N TYR B 194 3.56 1.79 11.96
CA TYR B 194 3.34 1.52 13.38
C TYR B 194 4.61 0.97 14.02
N THR B 195 5.16 1.71 14.96
CA THR B 195 6.40 1.34 15.62
C THR B 195 6.13 0.66 16.96
N ILE B 196 6.54 -0.60 17.08
CA ILE B 196 6.28 -1.36 18.30
C ILE B 196 7.58 -1.71 19.04
N CYS B 197 7.45 -1.95 20.34
CA CYS B 197 8.58 -2.38 21.15
C CYS B 197 8.19 -3.60 21.99
N TYR B 198 8.96 -4.68 21.84
CA TYR B 198 8.69 -5.91 22.57
C TYR B 198 9.98 -6.53 23.09
N GLY B 199 10.01 -6.81 24.38
CA GLY B 199 11.19 -7.39 25.01
C GLY B 199 12.41 -6.50 24.86
N ASP B 200 13.31 -6.89 23.96
CA ASP B 200 14.55 -6.16 23.75
C ASP B 200 14.62 -5.50 22.37
N LYS B 201 13.63 -5.76 21.53
CA LYS B 201 13.68 -5.30 20.14
C LYS B 201 12.62 -4.26 19.78
N GLU B 202 12.87 -3.54 18.69
CA GLU B 202 11.95 -2.55 18.17
C GLU B 202 11.74 -2.77 16.67
N LEU B 203 10.48 -2.76 16.25
CA LEU B 203 10.17 -3.03 14.85
C LEU B 203 9.15 -2.05 14.28
N VAL B 204 9.44 -1.54 13.09
CA VAL B 204 8.49 -0.70 12.36
C VAL B 204 7.68 -1.55 11.39
N ILE B 205 6.37 -1.32 11.36
CA ILE B 205 5.47 -2.15 10.59
C ILE B 205 4.64 -1.32 9.62
N PRO B 206 4.73 -1.63 8.31
CA PRO B 206 3.92 -0.94 7.30
C PRO B 206 2.45 -1.28 7.45
N GLU B 207 1.57 -0.50 6.83
CA GLU B 207 0.15 -0.76 6.92
C GLU B 207 -0.22 -2.09 6.28
N ASN B 208 0.49 -2.43 5.20
CA ASN B 208 0.24 -3.68 4.48
C ASN B 208 0.56 -4.91 5.31
N ILE B 209 1.36 -4.75 6.36
CA ILE B 209 1.67 -5.83 7.26
C ILE B 209 0.80 -5.74 8.52
N ALA B 210 0.51 -4.52 8.93
CA ALA B 210 -0.33 -4.28 10.11
C ALA B 210 -1.76 -4.77 9.88
N LYS B 211 -2.16 -4.89 8.61
CA LYS B 211 -3.45 -5.44 8.27
C LYS B 211 -3.56 -6.91 8.68
N GLN B 212 -2.42 -7.58 8.74
CA GLN B 212 -2.39 -9.03 8.97
C GLN B 212 -2.06 -9.37 10.43
N LEU B 213 -2.03 -8.36 11.29
CA LEU B 213 -1.70 -8.58 12.70
C LEU B 213 -2.86 -8.17 13.60
N TYR B 214 -3.45 -9.14 14.28
CA TYR B 214 -4.58 -8.89 15.18
C TYR B 214 -4.10 -8.76 16.62
N VAL B 215 -4.36 -7.61 17.23
CA VAL B 215 -3.90 -7.34 18.59
C VAL B 215 -5.06 -7.15 19.57
N THR B 216 -4.75 -7.28 20.86
CA THR B 216 -5.75 -7.11 21.90
C THR B 216 -5.27 -6.14 22.97
N ALA B 217 -6.10 -5.14 23.28
CA ALA B 217 -5.75 -4.10 24.24
C ALA B 217 -5.52 -4.66 25.63
N LEU B 218 -4.68 -3.96 26.40
CA LEU B 218 -4.36 -4.38 27.76
C LEU B 218 -4.62 -3.25 28.75
#